data_3Q7T
#
_entry.id   3Q7T
#
_cell.length_a   53.720
_cell.length_b   53.720
_cell.length_c   190.090
_cell.angle_alpha   90.000
_cell.angle_beta   90.000
_cell.angle_gamma   90.000
#
_symmetry.space_group_name_H-M   'I 41'
#
loop_
_entity.id
_entity.type
_entity.pdbx_description
1 polymer 'Transcriptional regulatory protein'
2 non-polymer 'SODIUM ION'
3 water water
#
_entity_poly.entity_id   1
_entity_poly.type   'polypeptide(L)'
_entity_poly.pdbx_seq_one_letter_code
;MHHHHHHRTAGPKHVLLVSEHWDLFFQTKELLNPEEYRCTIGQQYKQELSADLVVCEYSLLPREIRSPKSLEGSFVLVLL
DFFDEETSVDLLDRGFWYLIRPITPRILKSAISLFLSQHSL
;
_entity_poly.pdbx_strand_id   A,B
#
# COMPACT_ATOMS: atom_id res chain seq x y z
N PRO A 12 4.75 -3.45 22.61
CA PRO A 12 3.63 -3.24 21.67
C PRO A 12 3.76 -1.95 20.86
N LYS A 13 3.68 -2.07 19.54
CA LYS A 13 3.65 -0.92 18.64
C LYS A 13 2.45 -0.04 18.96
N HIS A 14 2.59 1.27 18.87
CA HIS A 14 1.46 2.16 19.17
C HIS A 14 0.79 2.63 17.88
N VAL A 15 -0.52 2.40 17.79
CA VAL A 15 -1.28 2.75 16.59
C VAL A 15 -2.31 3.80 16.94
N LEU A 16 -2.23 4.95 16.26
CA LEU A 16 -3.21 6.02 16.42
C LEU A 16 -4.16 6.03 15.23
N LEU A 17 -5.45 5.99 15.51
CA LEU A 17 -6.44 5.92 14.44
C LEU A 17 -7.34 7.16 14.49
N VAL A 18 -7.30 7.98 13.45
CA VAL A 18 -8.04 9.24 13.42
C VAL A 18 -9.19 9.25 12.42
N SER A 19 -10.40 9.49 12.90
CA SER A 19 -11.58 9.57 12.05
C SER A 19 -12.71 10.26 12.80
N GLU A 20 -13.70 10.72 12.06
CA GLU A 20 -14.89 11.29 12.69
C GLU A 20 -15.68 10.19 13.36
N HIS A 21 -15.82 9.05 12.66
CA HIS A 21 -16.57 7.90 13.13
C HIS A 21 -15.66 6.73 13.52
N TRP A 22 -16.14 5.89 14.43
CA TRP A 22 -15.27 4.99 15.17
C TRP A 22 -15.62 3.49 15.08
N ASP A 23 -16.71 3.13 14.39
CA ASP A 23 -17.10 1.71 14.33
C ASP A 23 -16.03 0.81 13.72
N LEU A 24 -15.61 1.18 12.52
CA LEU A 24 -14.55 0.50 11.78
C LEU A 24 -13.28 0.33 12.61
N PHE A 25 -12.89 1.40 13.30
CA PHE A 25 -11.67 1.45 14.10
C PHE A 25 -11.80 0.60 15.37
N PHE A 26 -12.97 0.62 16.00
CA PHE A 26 -13.20 -0.24 17.16
C PHE A 26 -13.08 -1.71 16.81
N GLN A 27 -13.71 -2.10 15.71
CA GLN A 27 -13.66 -3.46 15.20
C GLN A 27 -12.24 -3.83 14.78
N THR A 28 -11.52 -2.89 14.17
CA THR A 28 -10.16 -3.19 13.78
C THR A 28 -9.30 -3.46 15.03
N LYS A 29 -9.41 -2.58 16.03
CA LYS A 29 -8.69 -2.76 17.30
C LYS A 29 -8.99 -4.14 17.88
N GLU A 30 -10.25 -4.55 17.88
CA GLU A 30 -10.60 -5.87 18.42
C GLU A 30 -9.88 -7.00 17.67
N LEU A 31 -9.61 -6.75 16.39
CA LEU A 31 -8.93 -7.72 15.53
C LEU A 31 -7.41 -7.74 15.75
N LEU A 32 -6.78 -6.65 16.14
CA LEU A 32 -5.32 -6.67 16.29
C LEU A 32 -4.85 -7.46 17.52
N ASN A 33 -3.70 -8.09 17.46
CA ASN A 33 -3.15 -8.77 18.62
C ASN A 33 -2.83 -7.73 19.71
N PRO A 34 -3.48 -7.81 20.89
CA PRO A 34 -3.25 -6.80 21.92
C PRO A 34 -1.84 -6.82 22.54
N GLU A 35 -1.09 -7.90 22.35
CA GLU A 35 0.28 -7.94 22.82
C GLU A 35 1.24 -7.28 21.85
N GLU A 36 0.86 -7.16 20.59
CA GLU A 36 1.72 -6.56 19.56
C GLU A 36 1.32 -5.13 19.16
N TYR A 37 0.07 -4.77 19.39
CA TYR A 37 -0.41 -3.45 19.01
C TYR A 37 -1.26 -2.83 20.10
N ARG A 38 -1.01 -1.55 20.37
CA ARG A 38 -1.85 -0.80 21.29
C ARG A 38 -2.47 0.34 20.52
N CYS A 39 -3.78 0.48 20.60
CA CYS A 39 -4.50 1.47 19.83
C CYS A 39 -4.93 2.68 20.64
N THR A 40 -4.84 3.85 20.02
CA THR A 40 -5.47 5.04 20.54
C THR A 40 -6.37 5.53 19.42
N ILE A 41 -7.55 6.01 19.76
CA ILE A 41 -8.49 6.53 18.76
C ILE A 41 -8.78 8.00 18.99
N GLY A 42 -8.79 8.78 17.92
CA GLY A 42 -9.05 10.21 18.02
C GLY A 42 -9.95 10.73 16.93
N GLN A 43 -10.43 11.96 17.09
CA GLN A 43 -11.18 12.61 16.02
C GLN A 43 -10.34 13.67 15.34
N GLN A 44 -9.11 13.85 15.82
CA GLN A 44 -8.23 14.80 15.18
C GLN A 44 -6.81 14.30 15.28
N TYR A 45 -6.00 14.59 14.27
CA TYR A 45 -4.60 14.18 14.36
C TYR A 45 -3.85 15.09 15.31
N LYS A 46 -3.66 14.60 16.52
CA LYS A 46 -2.86 15.27 17.54
C LYS A 46 -1.39 14.87 17.37
N GLN A 47 -0.59 15.79 16.83
CA GLN A 47 0.83 15.55 16.63
C GLN A 47 1.52 15.56 17.98
N GLU A 48 0.72 15.63 19.02
CA GLU A 48 1.24 15.64 20.38
C GLU A 48 1.44 14.23 20.86
N LEU A 49 0.75 13.30 20.20
CA LEU A 49 0.82 11.88 20.56
C LEU A 49 1.89 11.19 19.73
N SER A 50 2.76 10.44 20.40
CA SER A 50 3.75 9.62 19.74
C SER A 50 3.11 8.32 19.27
N ALA A 51 3.48 7.86 18.08
CA ALA A 51 2.87 6.68 17.51
C ALA A 51 3.82 6.05 16.49
N ASP A 52 3.82 4.73 16.43
CA ASP A 52 4.58 4.03 15.41
C ASP A 52 3.86 4.09 14.06
N LEU A 53 2.55 4.32 14.09
CA LEU A 53 1.76 4.42 12.86
C LEU A 53 0.43 5.13 13.09
N VAL A 54 0.18 6.14 12.27
CA VAL A 54 -1.08 6.85 12.28
C VAL A 54 -1.89 6.43 11.04
N VAL A 55 -3.13 6.01 11.30
CA VAL A 55 -4.13 5.80 10.26
C VAL A 55 -5.08 6.98 10.34
N CYS A 56 -5.23 7.72 9.23
CA CYS A 56 -5.93 8.99 9.29
C CYS A 56 -6.78 9.25 8.05
N GLU A 57 -8.05 9.56 8.25
CA GLU A 57 -8.91 10.08 7.17
C GLU A 57 -8.22 11.24 6.47
N TYR A 58 -8.38 11.31 5.15
CA TYR A 58 -7.74 12.36 4.37
C TYR A 58 -8.17 13.78 4.83
N SER A 59 -9.47 13.97 5.03
CA SER A 59 -10.01 15.26 5.48
C SER A 59 -9.45 15.76 6.80
N LEU A 60 -8.87 14.87 7.59
CA LEU A 60 -8.38 15.21 8.92
C LEU A 60 -6.86 15.30 8.96
N LEU A 61 -6.24 15.07 7.83
CA LEU A 61 -4.79 15.10 7.73
C LEU A 61 -4.29 16.55 7.72
N PRO A 62 -3.33 16.86 8.62
CA PRO A 62 -2.80 18.22 8.74
C PRO A 62 -1.94 18.62 7.53
N SER A 74 5.64 10.96 11.67
CA SER A 74 5.69 9.50 11.70
C SER A 74 5.05 8.88 10.46
N PHE A 75 5.05 7.55 10.41
CA PHE A 75 4.37 6.81 9.35
C PHE A 75 2.87 7.02 9.41
N VAL A 76 2.28 7.21 8.25
CA VAL A 76 0.87 7.51 8.17
C VAL A 76 0.29 6.67 7.08
N LEU A 77 -0.86 6.07 7.36
CA LEU A 77 -1.65 5.40 6.35
C LEU A 77 -2.93 6.21 6.18
N VAL A 78 -3.21 6.67 4.97
CA VAL A 78 -4.31 7.59 4.74
C VAL A 78 -5.52 6.87 4.16
N LEU A 79 -6.69 7.16 4.71
CA LEU A 79 -7.95 6.63 4.18
C LEU A 79 -8.63 7.67 3.29
N LEU A 80 -8.95 7.28 2.07
CA LEU A 80 -9.60 8.16 1.10
C LEU A 80 -10.98 7.65 0.75
N ASP A 81 -11.93 8.57 0.53
CA ASP A 81 -13.27 8.17 0.11
C ASP A 81 -13.30 7.74 -1.36
N PHE A 82 -12.54 8.43 -2.19
CA PHE A 82 -12.54 8.15 -3.64
C PHE A 82 -11.13 8.28 -4.20
N PHE A 83 -10.93 7.72 -5.39
CA PHE A 83 -9.68 7.91 -6.11
C PHE A 83 -9.62 9.29 -6.76
N ASP A 84 -8.46 9.92 -6.67
CA ASP A 84 -8.17 11.15 -7.41
C ASP A 84 -6.68 11.18 -7.68
N GLU A 85 -6.31 11.35 -8.95
CA GLU A 85 -4.91 11.16 -9.33
C GLU A 85 -3.97 12.11 -8.62
N GLU A 86 -4.35 13.38 -8.52
CA GLU A 86 -3.43 14.36 -7.96
C GLU A 86 -3.32 14.16 -6.48
N THR A 87 -4.44 13.85 -5.86
CA THR A 87 -4.41 13.52 -4.44
C THR A 87 -3.49 12.32 -4.20
N SER A 88 -3.64 11.29 -5.01
CA SER A 88 -2.85 10.08 -4.83
C SER A 88 -1.37 10.33 -5.07
N VAL A 89 -1.05 11.07 -6.12
CA VAL A 89 0.34 11.36 -6.43
C VAL A 89 1.00 12.18 -5.31
N ASP A 90 0.27 13.15 -4.78
CA ASP A 90 0.79 13.98 -3.69
C ASP A 90 0.99 13.21 -2.41
N LEU A 91 0.03 12.36 -2.05
CA LEU A 91 0.20 11.54 -0.85
C LEU A 91 1.49 10.72 -0.93
N LEU A 92 1.69 10.06 -2.06
CA LEU A 92 2.83 9.16 -2.26
C LEU A 92 4.18 9.90 -2.31
N ASP A 93 4.20 11.07 -2.93
CA ASP A 93 5.40 11.91 -2.92
C ASP A 93 5.76 12.41 -1.52
N ARG A 94 4.74 12.61 -0.69
CA ARG A 94 4.95 13.04 0.70
C ARG A 94 5.35 11.84 1.56
N GLY A 95 5.16 10.64 1.01
CA GLY A 95 5.61 9.43 1.67
C GLY A 95 4.52 8.72 2.44
N PHE A 96 3.26 8.93 2.06
CA PHE A 96 2.14 8.25 2.71
C PHE A 96 1.52 7.20 1.79
N TRP A 97 1.31 5.98 2.31
CA TRP A 97 0.52 4.99 1.59
C TRP A 97 -0.93 5.29 1.86
N TYR A 98 -1.82 4.78 1.02
CA TYR A 98 -3.23 5.06 1.21
C TYR A 98 -4.09 3.85 0.89
N LEU A 99 -5.28 3.87 1.46
CA LEU A 99 -6.31 2.89 1.14
C LEU A 99 -7.53 3.65 0.68
N ILE A 100 -8.15 3.19 -0.38
CA ILE A 100 -9.38 3.83 -0.83
C ILE A 100 -10.59 2.98 -0.43
N ARG A 101 -11.61 3.61 0.10
CA ARG A 101 -12.84 2.89 0.39
C ARG A 101 -13.30 2.18 -0.87
N PRO A 102 -14.08 1.09 -0.69
CA PRO A 102 -14.48 0.63 0.64
C PRO A 102 -13.41 -0.20 1.37
N ILE A 103 -13.48 -0.16 2.70
CA ILE A 103 -12.52 -0.82 3.56
C ILE A 103 -13.30 -1.65 4.58
N THR A 104 -12.65 -2.66 5.16
CA THR A 104 -13.25 -3.41 6.24
C THR A 104 -12.27 -3.52 7.40
N PRO A 105 -12.78 -3.88 8.59
CA PRO A 105 -11.90 -4.10 9.75
C PRO A 105 -10.78 -5.09 9.43
N ARG A 106 -11.08 -6.21 8.76
CA ARG A 106 -10.03 -7.16 8.38
C ARG A 106 -8.98 -6.59 7.42
N ILE A 107 -9.41 -5.81 6.44
CA ILE A 107 -8.47 -5.18 5.54
C ILE A 107 -7.58 -4.21 6.32
N LEU A 108 -8.16 -3.40 7.20
CA LEU A 108 -7.39 -2.40 7.93
C LEU A 108 -6.41 -3.05 8.92
N LYS A 109 -6.87 -4.08 9.63
CA LYS A 109 -5.96 -4.87 10.48
C LYS A 109 -4.79 -5.47 9.71
N SER A 110 -5.05 -6.02 8.52
CA SER A 110 -3.98 -6.63 7.74
C SER A 110 -2.98 -5.59 7.20
N ALA A 111 -3.46 -4.42 6.84
CA ALA A 111 -2.60 -3.35 6.33
C ALA A 111 -1.71 -2.78 7.44
N ILE A 112 -2.29 -2.60 8.61
CA ILE A 112 -1.54 -2.20 9.80
C ILE A 112 -0.45 -3.23 10.14
N SER A 113 -0.80 -4.51 10.23
CA SER A 113 0.20 -5.57 10.48
C SER A 113 1.32 -5.57 9.44
N LEU A 114 0.94 -5.66 8.16
CA LEU A 114 1.92 -5.62 7.09
C LEU A 114 2.84 -4.40 7.18
N PHE A 115 2.27 -3.23 7.39
CA PHE A 115 3.07 -2.02 7.40
C PHE A 115 4.08 -2.06 8.56
N LEU A 116 3.65 -2.48 9.75
CA LEU A 116 4.50 -2.42 10.92
C LEU A 116 5.58 -3.49 10.91
N SER A 117 5.24 -4.67 10.39
CA SER A 117 6.22 -5.73 10.26
C SER A 117 7.30 -5.40 9.20
N GLN A 118 6.95 -4.62 8.18
CA GLN A 118 7.89 -4.31 7.09
C GLN A 118 8.98 -3.31 7.49
N PRO B 12 21.94 1.53 -8.33
CA PRO B 12 20.50 1.65 -8.63
C PRO B 12 19.70 0.47 -8.09
N LYS B 13 18.41 0.69 -7.86
CA LYS B 13 17.51 -0.40 -7.45
C LYS B 13 16.90 -1.11 -8.65
N HIS B 14 16.61 -2.40 -8.49
CA HIS B 14 16.03 -3.21 -9.55
C HIS B 14 14.51 -3.47 -9.36
N VAL B 15 13.74 -3.06 -10.36
CA VAL B 15 12.30 -3.19 -10.37
C VAL B 15 11.89 -4.12 -11.50
N LEU B 16 11.20 -5.20 -11.14
CA LEU B 16 10.70 -6.15 -12.11
C LEU B 16 9.20 -5.90 -12.32
N LEU B 17 8.78 -5.86 -13.58
CA LEU B 17 7.40 -5.52 -13.91
C LEU B 17 6.81 -6.67 -14.68
N VAL B 18 5.70 -7.19 -14.19
CA VAL B 18 5.07 -8.36 -14.78
C VAL B 18 3.67 -7.96 -15.25
N SER B 19 3.44 -8.06 -16.56
CA SER B 19 2.16 -7.63 -17.13
C SER B 19 1.99 -8.16 -18.53
N GLU B 20 0.74 -8.23 -18.99
CA GLU B 20 0.46 -8.54 -20.38
C GLU B 20 0.15 -7.30 -21.22
N HIS B 21 0.00 -6.15 -20.56
CA HIS B 21 -0.22 -4.87 -21.23
C HIS B 21 0.87 -3.91 -20.79
N TRP B 22 1.83 -3.66 -21.69
CA TRP B 22 3.06 -2.99 -21.27
C TRP B 22 3.05 -1.47 -21.34
N ASP B 23 1.99 -0.89 -21.91
CA ASP B 23 1.95 0.57 -22.07
C ASP B 23 2.05 1.38 -20.76
N LEU B 24 1.29 1.05 -19.74
CA LEU B 24 1.43 1.72 -18.44
C LEU B 24 2.88 1.68 -17.95
N PHE B 25 3.47 0.48 -17.99
CA PHE B 25 4.83 0.29 -17.51
C PHE B 25 5.84 1.05 -18.34
N PHE B 26 5.64 1.08 -19.65
CA PHE B 26 6.54 1.80 -20.54
C PHE B 26 6.54 3.27 -20.13
N GLN B 27 5.35 3.84 -20.00
CA GLN B 27 5.26 5.24 -19.63
C GLN B 27 5.86 5.50 -18.24
N THR B 28 5.80 4.51 -17.35
CA THR B 28 6.31 4.71 -16.00
C THR B 28 7.83 4.70 -15.98
N LYS B 29 8.44 3.78 -16.73
CA LYS B 29 9.90 3.77 -16.84
C LYS B 29 10.43 5.10 -17.36
N GLU B 30 9.74 5.68 -18.34
CA GLU B 30 10.16 6.97 -18.89
C GLU B 30 10.29 8.05 -17.80
N LEU B 31 9.48 7.92 -16.75
CA LEU B 31 9.47 8.92 -15.67
C LEU B 31 10.48 8.62 -14.57
N LEU B 32 11.00 7.39 -14.54
CA LEU B 32 11.97 7.01 -13.52
C LEU B 32 13.37 7.47 -13.89
N ASN B 33 14.10 7.94 -12.88
CA ASN B 33 15.51 8.29 -13.07
C ASN B 33 16.32 7.01 -13.23
N PRO B 34 16.96 6.85 -14.40
CA PRO B 34 17.67 5.63 -14.81
C PRO B 34 18.94 5.36 -14.02
N GLU B 35 19.44 6.35 -13.30
CA GLU B 35 20.62 6.14 -12.47
C GLU B 35 20.25 5.62 -11.10
N GLU B 36 19.00 5.81 -10.72
CA GLU B 36 18.50 5.30 -9.45
C GLU B 36 17.82 3.94 -9.59
N TYR B 37 17.27 3.67 -10.78
CA TYR B 37 16.46 2.48 -11.03
C TYR B 37 16.82 1.78 -12.34
N ARG B 38 16.95 0.47 -12.29
CA ARG B 38 17.02 -0.37 -13.49
C ARG B 38 15.74 -1.20 -13.58
N CYS B 39 15.11 -1.20 -14.74
CA CYS B 39 13.85 -1.94 -14.92
C CYS B 39 14.00 -3.20 -15.78
N THR B 40 13.17 -4.17 -15.49
CA THR B 40 12.98 -5.34 -16.34
C THR B 40 11.47 -5.48 -16.48
N ILE B 41 10.99 -5.82 -17.67
CA ILE B 41 9.56 -6.09 -17.84
C ILE B 41 9.31 -7.43 -18.50
N GLY B 42 8.42 -8.23 -17.93
CA GLY B 42 8.14 -9.58 -18.40
C GLY B 42 6.65 -9.89 -18.42
N GLN B 43 6.25 -11.01 -19.01
CA GLN B 43 4.86 -11.42 -19.01
C GLN B 43 4.54 -12.52 -18.00
N GLN B 44 5.55 -13.04 -17.33
CA GLN B 44 5.30 -14.02 -16.30
C GLN B 44 6.19 -13.81 -15.08
N TYR B 45 5.70 -14.25 -13.92
CA TYR B 45 6.39 -14.03 -12.68
C TYR B 45 7.51 -15.04 -12.50
N LYS B 46 8.73 -14.53 -12.31
CA LYS B 46 9.90 -15.37 -12.08
C LYS B 46 10.51 -15.13 -10.70
N GLN B 47 10.39 -16.11 -9.81
CA GLN B 47 11.10 -16.05 -8.53
C GLN B 47 12.60 -16.03 -8.83
N GLU B 48 12.94 -16.62 -9.98
CA GLU B 48 14.30 -16.64 -10.51
C GLU B 48 15.06 -15.34 -10.28
N LEU B 49 14.49 -14.24 -10.75
CA LEU B 49 15.13 -12.94 -10.62
C LEU B 49 15.11 -12.43 -9.20
N SER B 50 16.22 -11.81 -8.81
CA SER B 50 16.28 -11.07 -7.56
C SER B 50 16.00 -9.62 -7.93
N ALA B 51 15.04 -9.03 -7.22
CA ALA B 51 14.67 -7.66 -7.47
C ALA B 51 14.40 -7.02 -6.13
N ASP B 52 14.53 -5.70 -6.07
CA ASP B 52 14.14 -4.95 -4.90
C ASP B 52 12.61 -4.80 -4.81
N LEU B 53 11.94 -4.70 -5.96
CA LEU B 53 10.49 -4.55 -5.98
C LEU B 53 9.92 -5.26 -7.20
N VAL B 54 8.82 -5.97 -7.00
CA VAL B 54 8.10 -6.57 -8.11
C VAL B 54 6.72 -5.94 -8.20
N VAL B 55 6.40 -5.39 -9.36
CA VAL B 55 5.04 -4.99 -9.66
C VAL B 55 4.40 -6.04 -10.57
N CYS B 56 3.32 -6.66 -10.10
CA CYS B 56 2.77 -7.77 -10.82
C CYS B 56 1.26 -7.58 -10.94
N GLU B 57 0.73 -7.76 -12.13
CA GLU B 57 -0.73 -7.86 -12.30
C GLU B 57 -1.27 -9.09 -11.56
N TYR B 58 -2.43 -8.97 -10.93
CA TYR B 58 -2.99 -10.04 -10.12
C TYR B 58 -3.22 -11.32 -10.90
N SER B 59 -3.62 -11.21 -12.16
CA SER B 59 -3.91 -12.39 -12.99
C SER B 59 -2.66 -13.17 -13.33
N LEU B 60 -1.50 -12.56 -13.10
CA LEU B 60 -0.22 -13.19 -13.41
C LEU B 60 0.51 -13.60 -12.14
N LEU B 61 -0.06 -13.24 -11.00
CA LEU B 61 0.49 -13.58 -9.70
C LEU B 61 0.19 -15.05 -9.34
N PRO B 62 1.24 -15.88 -9.17
CA PRO B 62 0.99 -17.28 -8.82
C PRO B 62 0.17 -17.37 -7.53
N ARG B 63 -0.81 -18.27 -7.51
CA ARG B 63 -1.71 -18.42 -6.37
C ARG B 63 -1.01 -18.94 -5.11
N GLU B 64 0.06 -19.70 -5.30
CA GLU B 64 0.64 -20.40 -4.17
C GLU B 64 1.76 -19.63 -3.50
N ILE B 65 2.08 -18.44 -4.02
CA ILE B 65 3.21 -17.71 -3.46
C ILE B 65 2.83 -16.59 -2.50
N ARG B 66 3.80 -16.27 -1.64
CA ARG B 66 3.65 -15.27 -0.62
C ARG B 66 5.06 -14.76 -0.34
N SER B 67 5.17 -13.70 0.44
CA SER B 67 6.50 -13.24 0.85
C SER B 67 6.54 -13.20 2.37
N PRO B 68 7.68 -13.60 2.97
CA PRO B 68 8.92 -13.98 2.29
C PRO B 68 8.88 -15.36 1.67
N PHE B 75 10.00 -6.57 -1.86
CA PHE B 75 8.74 -5.84 -2.02
C PHE B 75 7.98 -6.36 -3.22
N VAL B 76 6.68 -6.54 -3.03
CA VAL B 76 5.77 -6.87 -4.11
C VAL B 76 4.59 -5.95 -4.05
N LEU B 77 4.24 -5.38 -5.20
CA LEU B 77 3.07 -4.54 -5.35
C LEU B 77 2.18 -5.22 -6.38
N VAL B 78 0.96 -5.55 -6.01
CA VAL B 78 0.07 -6.24 -6.94
C VAL B 78 -0.96 -5.28 -7.52
N LEU B 79 -1.22 -5.39 -8.81
CA LEU B 79 -2.15 -4.48 -9.47
C LEU B 79 -3.47 -5.16 -9.75
N LEU B 80 -4.53 -4.62 -9.20
CA LEU B 80 -5.84 -5.22 -9.26
C LEU B 80 -6.77 -4.44 -10.21
N ASP B 81 -7.61 -5.17 -10.93
CA ASP B 81 -8.67 -4.52 -11.71
C ASP B 81 -9.80 -4.02 -10.81
N PHE B 82 -10.20 -4.84 -9.85
CA PHE B 82 -11.38 -4.57 -9.03
C PHE B 82 -11.07 -4.74 -7.56
N PHE B 83 -11.90 -4.12 -6.73
CA PHE B 83 -11.91 -4.42 -5.31
C PHE B 83 -12.73 -5.68 -5.02
N ASP B 84 -12.16 -6.56 -4.22
CA ASP B 84 -12.86 -7.70 -3.65
C ASP B 84 -12.22 -7.89 -2.29
N GLU B 85 -13.05 -7.97 -1.25
CA GLU B 85 -12.57 -7.96 0.12
C GLU B 85 -11.65 -9.15 0.46
N GLU B 86 -12.04 -10.34 0.00
CA GLU B 86 -11.30 -11.54 0.36
C GLU B 86 -9.96 -11.50 -0.31
N THR B 87 -9.98 -11.09 -1.57
CA THR B 87 -8.76 -10.94 -2.35
C THR B 87 -7.82 -9.94 -1.70
N SER B 88 -8.34 -8.78 -1.30
CA SER B 88 -7.50 -7.78 -0.62
C SER B 88 -6.92 -8.30 0.70
N VAL B 89 -7.76 -8.92 1.52
CA VAL B 89 -7.25 -9.50 2.77
C VAL B 89 -6.20 -10.57 2.50
N ASP B 90 -6.46 -11.43 1.52
CA ASP B 90 -5.52 -12.47 1.14
C ASP B 90 -4.17 -11.89 0.70
N LEU B 91 -4.17 -10.84 -0.11
CA LEU B 91 -2.89 -10.28 -0.58
C LEU B 91 -2.07 -9.72 0.57
N LEU B 92 -2.71 -8.95 1.44
CA LEU B 92 -2.05 -8.33 2.58
C LEU B 92 -1.46 -9.36 3.57
N ASP B 93 -2.23 -10.40 3.87
CA ASP B 93 -1.74 -11.54 4.67
C ASP B 93 -0.56 -12.29 4.04
N ARG B 94 -0.51 -12.38 2.72
CA ARG B 94 0.64 -12.96 2.04
C ARG B 94 1.84 -12.01 2.02
N GLY B 95 1.67 -10.82 2.58
CA GLY B 95 2.76 -9.83 2.57
C GLY B 95 2.83 -8.93 1.34
N PHE B 96 1.76 -8.85 0.56
CA PHE B 96 1.77 -8.02 -0.65
C PHE B 96 0.93 -6.77 -0.49
N TRP B 97 1.47 -5.62 -0.86
CA TRP B 97 0.64 -4.42 -1.00
C TRP B 97 -0.07 -4.47 -2.35
N TYR B 98 -1.14 -3.72 -2.51
CA TYR B 98 -1.79 -3.68 -3.81
C TYR B 98 -2.19 -2.28 -4.24
N LEU B 99 -2.57 -2.17 -5.50
CA LEU B 99 -3.22 -1.00 -6.02
C LEU B 99 -4.36 -1.45 -6.89
N ILE B 100 -5.49 -0.80 -6.69
CA ILE B 100 -6.65 -1.04 -7.50
C ILE B 100 -6.68 0.05 -8.56
N ARG B 101 -7.05 -0.32 -9.78
CA ARG B 101 -7.32 0.69 -10.79
C ARG B 101 -8.49 1.59 -10.37
N PRO B 102 -8.53 2.83 -10.88
CA PRO B 102 -7.63 3.35 -11.93
C PRO B 102 -6.19 3.60 -11.49
N ILE B 103 -5.23 3.39 -12.39
CA ILE B 103 -3.81 3.69 -12.11
C ILE B 103 -3.20 4.45 -13.29
N THR B 104 -2.22 5.31 -13.01
CA THR B 104 -1.53 6.06 -14.06
C THR B 104 -0.02 5.90 -13.88
N PRO B 105 0.75 6.32 -14.89
CA PRO B 105 2.22 6.31 -14.83
C PRO B 105 2.77 7.15 -13.68
N ARG B 106 2.19 8.33 -13.45
CA ARG B 106 2.62 9.16 -12.31
C ARG B 106 2.40 8.41 -10.99
N ILE B 107 1.23 7.79 -10.83
CA ILE B 107 0.93 7.05 -9.62
C ILE B 107 1.91 5.92 -9.47
N LEU B 108 2.13 5.17 -10.55
CA LEU B 108 3.05 4.04 -10.46
C LEU B 108 4.47 4.48 -10.09
N LYS B 109 4.94 5.55 -10.71
CA LYS B 109 6.28 6.02 -10.45
C LYS B 109 6.44 6.43 -8.97
N SER B 110 5.46 7.16 -8.44
CA SER B 110 5.49 7.63 -7.05
C SER B 110 5.44 6.46 -6.04
N ALA B 111 4.64 5.44 -6.35
CA ALA B 111 4.59 4.21 -5.56
C ALA B 111 5.92 3.49 -5.52
N ILE B 112 6.51 3.27 -6.70
CA ILE B 112 7.82 2.66 -6.79
C ILE B 112 8.84 3.41 -5.93
N SER B 113 8.89 4.73 -6.07
CA SER B 113 9.78 5.57 -5.27
C SER B 113 9.49 5.48 -3.77
N LEU B 114 8.22 5.46 -3.40
CA LEU B 114 7.82 5.30 -2.01
C LEU B 114 8.43 4.04 -1.41
N PHE B 115 8.25 2.90 -2.10
CA PHE B 115 8.76 1.62 -1.60
C PHE B 115 10.28 1.58 -1.50
N LEU B 116 10.95 2.13 -2.50
CA LEU B 116 12.39 1.99 -2.63
C LEU B 116 13.21 3.18 -2.08
N SER B 117 12.53 4.12 -1.43
CA SER B 117 13.22 5.21 -0.73
C SER B 117 13.16 4.98 0.78
#